data_6G2V
#
_entry.id   6G2V
#
_cell.length_a   90.140
_cell.length_b   90.140
_cell.length_c   65.210
_cell.angle_alpha   90.00
_cell.angle_beta   90.00
_cell.angle_gamma   120.00
#
_symmetry.space_group_name_H-M   'P 61'
#
loop_
_entity.id
_entity.type
_entity.pdbx_description
1 polymer 'Transitional endoplasmic reticulum ATPase'
2 non-polymer (4S)-2-METHYL-2,4-PENTANEDIOL
3 non-polymer 'DIMETHYL SULFOXIDE'
4 non-polymer "ADENOSINE-5'-DIPHOSPHATE"
5 water water
#
_entity_poly.entity_id   1
_entity_poly.type   'polypeptide(L)'
_entity_poly.pdbx_seq_one_letter_code
;GPGSALRETVVEVPQVTWEDIGGLEDVKRELQELVQYPVEHPDKFLKFGMTPSKGVLFYGPPGCGKTLLAKAIANECQAN
FISIKGPELLTSEANVREIFDKARQAAPCVLFFDELDSIAKAADRVINQILTEMDGMSTKKNVFIIGATNRPDIIDPAIL
RPGRLDQLIYIPLPDEKSRVAILKANLRKSPVAKDVDLEFLAKMTNGFSGADLTEICQRACKLAIRESIESEIRREREVP
EIRRDHFEEAMRFARRSVSDNDIRKYEMFAQTLQQ
;
_entity_poly.pdbx_strand_id   A
#
loop_
_chem_comp.id
_chem_comp.type
_chem_comp.name
_chem_comp.formula
ADP non-polymer ADENOSINE-5'-DIPHOSPHATE 'C10 H15 N5 O10 P2'
DMS non-polymer 'DIMETHYL SULFOXIDE' 'C2 H6 O S'
MPD non-polymer (4S)-2-METHYL-2,4-PENTANEDIOL 'C6 H14 O2'
#
# COMPACT_ATOMS: atom_id res chain seq x y z
N VAL A 10 5.34 -11.25 13.37
CA VAL A 10 4.57 -12.36 12.79
C VAL A 10 4.87 -12.48 11.30
N VAL A 11 5.04 -13.72 10.81
CA VAL A 11 5.37 -13.94 9.41
C VAL A 11 4.41 -14.93 8.73
N GLU A 12 3.72 -14.45 7.70
CA GLU A 12 2.61 -15.15 7.09
C GLU A 12 2.35 -14.65 5.66
N VAL A 13 1.62 -15.44 4.86
CA VAL A 13 1.15 -14.98 3.56
C VAL A 13 -0.05 -14.06 3.86
N PRO A 14 0.00 -12.80 3.38
CA PRO A 14 -1.14 -11.91 3.68
C PRO A 14 -2.43 -12.34 2.98
N GLN A 15 -3.56 -11.89 3.49
CA GLN A 15 -4.80 -12.23 2.83
C GLN A 15 -5.32 -11.14 1.87
N VAL A 16 -4.63 -10.00 1.75
CA VAL A 16 -5.15 -8.97 0.85
C VAL A 16 -4.77 -9.37 -0.59
N THR A 17 -5.69 -9.15 -1.51
CA THR A 17 -5.50 -9.44 -2.92
C THR A 17 -5.66 -8.16 -3.74
N TRP A 18 -5.41 -8.25 -5.03
CA TRP A 18 -5.56 -7.10 -5.92
C TRP A 18 -6.96 -6.53 -5.84
N GLU A 19 -7.92 -7.41 -5.56
CA GLU A 19 -9.32 -7.06 -5.54
C GLU A 19 -9.70 -6.24 -4.31
N ASP A 20 -8.84 -6.25 -3.28
CA ASP A 20 -9.07 -5.37 -2.13
C ASP A 20 -8.57 -3.96 -2.38
N ILE A 21 -7.96 -3.76 -3.55
CA ILE A 21 -7.36 -2.49 -3.88
C ILE A 21 -8.11 -1.81 -5.00
N GLY A 22 -8.65 -0.63 -4.70
CA GLY A 22 -9.36 0.15 -5.69
C GLY A 22 -8.44 1.06 -6.49
N GLY A 23 -8.72 1.17 -7.78
CA GLY A 23 -7.87 1.95 -8.66
C GLY A 23 -6.56 1.27 -8.92
N LEU A 24 -5.55 2.07 -9.28
CA LEU A 24 -4.19 1.59 -9.48
C LEU A 24 -4.10 0.42 -10.48
N GLU A 25 -5.02 0.37 -11.44
CA GLU A 25 -5.08 -0.78 -12.35
C GLU A 25 -3.80 -0.88 -13.21
N ASP A 26 -3.23 0.24 -13.64
CA ASP A 26 -1.96 0.21 -14.36
C ASP A 26 -0.84 -0.32 -13.48
N VAL A 27 -0.81 0.17 -12.25
CA VAL A 27 0.17 -0.28 -11.27
C VAL A 27 0.03 -1.79 -10.96
N LYS A 28 -1.20 -2.25 -10.74
CA LYS A 28 -1.41 -3.68 -10.54
C LYS A 28 -0.83 -4.50 -11.69
N ARG A 29 -1.14 -4.08 -12.92
CA ARG A 29 -0.62 -4.69 -14.12
C ARG A 29 0.91 -4.75 -14.08
N GLU A 30 1.54 -3.61 -13.77
CA GLU A 30 3.00 -3.49 -13.68
C GLU A 30 3.62 -4.46 -12.68
N LEU A 31 3.05 -4.51 -11.48
CA LEU A 31 3.57 -5.33 -10.39
C LEU A 31 3.48 -6.82 -10.71
N GLN A 32 2.37 -7.22 -11.32
CA GLN A 32 2.20 -8.61 -11.71
C GLN A 32 3.27 -9.04 -12.71
N GLU A 33 3.60 -8.15 -13.65
CA GLU A 33 4.62 -8.45 -14.65
C GLU A 33 6.01 -8.46 -14.03
N LEU A 34 6.26 -7.63 -13.03
CA LEU A 34 7.52 -7.73 -12.29
C LEU A 34 7.71 -9.08 -11.58
N VAL A 35 6.63 -9.74 -11.18
CA VAL A 35 6.79 -11.02 -10.50
C VAL A 35 6.52 -12.23 -11.41
N GLN A 36 5.72 -12.07 -12.45
CA GLN A 36 5.40 -13.19 -13.34
C GLN A 36 6.43 -13.39 -14.47
N TYR A 37 6.88 -12.30 -15.09
CA TYR A 37 7.86 -12.36 -16.19
C TYR A 37 9.20 -13.07 -15.87
N PRO A 38 9.72 -12.92 -14.62
CA PRO A 38 10.94 -13.70 -14.36
C PRO A 38 10.66 -15.20 -14.26
N VAL A 39 9.41 -15.54 -13.95
CA VAL A 39 9.00 -16.93 -13.80
C VAL A 39 8.68 -17.52 -15.16
N GLU A 40 7.99 -16.74 -15.99
CA GLU A 40 7.45 -17.28 -17.23
C GLU A 40 8.39 -17.06 -18.41
N HIS A 41 9.31 -16.10 -18.29
CA HIS A 41 10.25 -15.84 -19.38
C HIS A 41 11.69 -15.65 -18.91
N PRO A 42 12.24 -16.63 -18.17
CA PRO A 42 13.59 -16.45 -17.63
C PRO A 42 14.65 -16.22 -18.72
N ASP A 43 14.53 -16.96 -19.82
CA ASP A 43 15.53 -16.89 -20.89
C ASP A 43 15.58 -15.53 -21.60
N LYS A 44 14.50 -14.76 -21.52
CA LYS A 44 14.51 -13.45 -22.15
C LYS A 44 15.39 -12.49 -21.34
N PHE A 45 15.47 -12.71 -20.03
CA PHE A 45 16.37 -11.93 -19.19
C PHE A 45 17.81 -12.35 -19.42
N LEU A 46 18.04 -13.66 -19.40
CA LEU A 46 19.37 -14.21 -19.59
C LEU A 46 19.93 -13.92 -20.99
N LYS A 47 19.06 -13.83 -21.98
CA LYS A 47 19.47 -13.53 -23.37
C LYS A 47 20.18 -12.17 -23.45
N PHE A 48 19.61 -11.17 -22.79
CA PHE A 48 20.21 -9.84 -22.75
C PHE A 48 21.21 -9.71 -21.59
N GLY A 49 21.52 -10.83 -20.93
CA GLY A 49 22.52 -10.88 -19.88
C GLY A 49 22.20 -10.09 -18.64
N MET A 50 20.95 -10.17 -18.20
CA MET A 50 20.50 -9.39 -17.06
C MET A 50 19.67 -10.21 -16.08
N THR A 51 19.57 -9.70 -14.85
CA THR A 51 18.74 -10.32 -13.84
C THR A 51 17.54 -9.41 -13.62
N PRO A 52 16.37 -10.01 -13.35
CA PRO A 52 15.19 -9.19 -13.08
C PRO A 52 15.35 -8.35 -11.83
N SER A 53 14.57 -7.28 -11.74
CA SER A 53 14.55 -6.45 -10.54
C SER A 53 14.08 -7.28 -9.37
N LYS A 54 14.55 -6.93 -8.17
CA LYS A 54 14.06 -7.56 -6.95
C LYS A 54 13.54 -6.53 -5.96
N GLY A 55 13.29 -5.32 -6.45
CA GLY A 55 12.89 -4.24 -5.56
C GLY A 55 12.03 -3.15 -6.18
N VAL A 56 11.10 -2.64 -5.37
CA VAL A 56 10.23 -1.53 -5.78
C VAL A 56 10.24 -0.48 -4.69
N LEU A 57 10.25 0.79 -5.07
CA LEU A 57 9.96 1.86 -4.13
C LEU A 57 8.64 2.52 -4.52
N PHE A 58 7.64 2.39 -3.66
CA PHE A 58 6.37 3.08 -3.82
C PHE A 58 6.46 4.47 -3.22
N TYR A 59 5.92 5.47 -3.90
CA TYR A 59 5.82 6.81 -3.28
C TYR A 59 4.52 7.50 -3.63
N GLY A 60 4.12 8.40 -2.73
CA GLY A 60 2.94 9.21 -2.93
C GLY A 60 2.32 9.59 -1.59
N PRO A 61 1.14 10.19 -1.64
CA PRO A 61 0.51 10.68 -0.40
C PRO A 61 0.16 9.55 0.58
N PRO A 62 0.06 9.87 1.87
CA PRO A 62 -0.34 8.86 2.89
C PRO A 62 -1.71 8.25 2.59
N GLY A 63 -1.86 6.96 2.88
CA GLY A 63 -3.17 6.32 2.83
C GLY A 63 -3.77 6.08 1.46
N CYS A 64 -2.93 5.81 0.45
CA CYS A 64 -3.40 5.56 -0.91
C CYS A 64 -3.11 4.16 -1.49
N GLY A 65 -2.53 3.28 -0.66
CA GLY A 65 -2.47 1.87 -0.99
C GLY A 65 -1.11 1.23 -1.13
N LYS A 66 -0.05 1.94 -0.71
CA LYS A 66 1.30 1.39 -0.85
C LYS A 66 1.50 0.11 -0.01
N THR A 67 1.04 0.16 1.23
CA THR A 67 1.11 -1.02 2.09
C THR A 67 0.23 -2.14 1.53
N LEU A 68 -1.00 -1.79 1.15
CA LEU A 68 -1.91 -2.76 0.53
C LEU A 68 -1.26 -3.45 -0.66
N LEU A 69 -0.63 -2.67 -1.54
CA LEU A 69 0.02 -3.23 -2.72
C LEU A 69 1.15 -4.21 -2.35
N ALA A 70 1.92 -3.88 -1.33
CA ALA A 70 3.03 -4.71 -0.90
C ALA A 70 2.52 -6.05 -0.38
N LYS A 71 1.45 -6.04 0.39
CA LYS A 71 0.82 -7.28 0.84
C LYS A 71 0.18 -8.07 -0.30
N ALA A 72 -0.44 -7.37 -1.24
CA ALA A 72 -1.08 -8.03 -2.39
C ALA A 72 -0.06 -8.70 -3.31
N ILE A 73 1.13 -8.13 -3.39
CA ILE A 73 2.23 -8.74 -4.15
C ILE A 73 2.65 -10.07 -3.51
N ALA A 74 2.73 -10.07 -2.19
CA ALA A 74 3.12 -11.26 -1.45
C ALA A 74 2.03 -12.30 -1.63
N ASN A 75 0.79 -11.88 -1.53
CA ASN A 75 -0.34 -12.77 -1.76
C ASN A 75 -0.37 -13.37 -3.16
N GLU A 76 -0.08 -12.54 -4.16
CA GLU A 76 0.08 -12.98 -5.56
C GLU A 76 1.13 -14.09 -5.71
N CYS A 77 2.24 -13.91 -5.01
CA CYS A 77 3.37 -14.86 -5.05
C CYS A 77 3.29 -16.01 -4.04
N GLN A 78 2.19 -16.07 -3.29
CA GLN A 78 2.10 -16.95 -2.12
C GLN A 78 3.40 -16.89 -1.31
N ALA A 79 3.81 -15.67 -0.96
CA ALA A 79 5.05 -15.46 -0.26
C ALA A 79 4.79 -14.96 1.15
N ASN A 80 5.72 -15.23 2.07
CA ASN A 80 5.67 -14.65 3.40
C ASN A 80 5.86 -13.15 3.31
N PHE A 81 5.40 -12.45 4.32
CA PHE A 81 5.47 -11.00 4.35
C PHE A 81 6.05 -10.52 5.67
N ILE A 82 7.13 -9.75 5.57
CA ILE A 82 7.76 -9.16 6.74
C ILE A 82 7.72 -7.64 6.59
N SER A 83 7.19 -6.99 7.62
CA SER A 83 7.04 -5.54 7.60
C SER A 83 7.98 -4.91 8.63
N ILE A 84 8.76 -3.91 8.21
CA ILE A 84 9.62 -3.18 9.13
C ILE A 84 9.24 -1.72 9.01
N LYS A 85 8.99 -1.05 10.14
CA LYS A 85 8.75 0.39 10.11
C LYS A 85 10.07 1.11 10.31
N GLY A 86 10.28 2.19 9.55
CA GLY A 86 11.45 3.03 9.71
C GLY A 86 12.00 3.29 11.11
N PRO A 87 11.17 3.87 12.01
CA PRO A 87 11.59 4.20 13.38
C PRO A 87 12.08 3.01 14.20
N GLU A 88 11.48 1.84 14.00
CA GLU A 88 11.82 0.63 14.75
C GLU A 88 13.27 0.17 14.53
N LEU A 89 13.82 0.49 13.37
CA LEU A 89 15.20 0.20 13.04
C LEU A 89 16.20 1.09 13.78
N LEU A 90 15.74 2.27 14.20
CA LEU A 90 16.60 3.26 14.85
C LEU A 90 16.48 3.25 16.38
N THR A 91 17.09 2.26 17.03
CA THR A 91 17.18 2.21 18.50
C THR A 91 18.56 1.70 18.94
N SER A 92 24.62 -0.11 16.05
CA SER A 92 23.53 -1.07 16.10
C SER A 92 22.85 -1.23 14.74
N GLU A 93 23.66 -1.34 13.68
CA GLU A 93 23.16 -1.56 12.32
C GLU A 93 23.14 -3.05 11.98
N ALA A 94 23.36 -3.87 13.00
CA ALA A 94 23.24 -5.32 12.86
C ALA A 94 21.77 -5.70 12.72
N ASN A 95 20.90 -4.79 13.15
CA ASN A 95 19.46 -4.96 13.05
C ASN A 95 19.02 -5.12 11.59
N VAL A 96 19.64 -4.34 10.72
CA VAL A 96 19.44 -4.48 9.29
C VAL A 96 19.81 -5.89 8.86
N ARG A 97 21.00 -6.32 9.26
CA ARG A 97 21.52 -7.62 8.87
C ARG A 97 20.60 -8.78 9.26
N GLU A 98 20.07 -8.78 10.49
CA GLU A 98 19.16 -9.84 10.91
C GLU A 98 17.81 -9.78 10.18
N ILE A 99 17.38 -8.57 9.80
CA ILE A 99 16.13 -8.41 9.07
C ILE A 99 16.22 -9.17 7.76
N PHE A 100 17.33 -8.99 7.06
CA PHE A 100 17.53 -9.65 5.78
C PHE A 100 17.76 -11.16 5.90
N ASP A 101 18.45 -11.60 6.95
CA ASP A 101 18.61 -13.03 7.21
C ASP A 101 17.26 -13.68 7.44
N LYS A 102 16.45 -13.05 8.29
CA LYS A 102 15.12 -13.54 8.57
C LYS A 102 14.25 -13.61 7.32
N ALA A 103 14.43 -12.66 6.41
CA ALA A 103 13.70 -12.67 5.13
C ALA A 103 14.18 -13.82 4.25
N ARG A 104 15.49 -13.99 4.15
CA ARG A 104 16.04 -15.09 3.36
C ARG A 104 15.60 -16.44 3.94
N GLN A 105 15.49 -16.54 5.26
CA GLN A 105 15.00 -17.77 5.90
C GLN A 105 13.53 -18.02 5.63
N ALA A 106 12.78 -16.93 5.44
CA ALA A 106 11.34 -17.01 5.25
C ALA A 106 10.96 -17.13 3.79
N ALA A 107 11.94 -17.30 2.91
CA ALA A 107 11.70 -17.28 1.46
C ALA A 107 10.77 -18.41 1.00
N PRO A 108 9.94 -18.15 -0.03
CA PRO A 108 9.76 -16.88 -0.76
C PRO A 108 9.13 -15.83 0.14
N CYS A 109 9.66 -14.61 0.09
CA CYS A 109 9.26 -13.60 1.06
C CYS A 109 9.27 -12.22 0.43
N VAL A 110 8.32 -11.40 0.84
CA VAL A 110 8.31 -9.98 0.53
C VAL A 110 8.73 -9.25 1.79
N LEU A 111 9.77 -8.45 1.66
CA LEU A 111 10.32 -7.67 2.76
C LEU A 111 9.99 -6.20 2.54
N PHE A 112 9.12 -5.67 3.40
CA PHE A 112 8.53 -4.34 3.19
C PHE A 112 9.10 -3.35 4.19
N PHE A 113 9.77 -2.33 3.67
CA PHE A 113 10.29 -1.24 4.48
C PHE A 113 9.33 -0.07 4.38
N ASP A 114 8.55 0.10 5.43
CA ASP A 114 7.52 1.10 5.51
C ASP A 114 8.10 2.33 6.17
N GLU A 115 7.47 3.48 5.93
CA GLU A 115 7.79 4.69 6.71
C GLU A 115 9.27 5.00 6.50
N LEU A 116 9.73 4.86 5.26
CA LEU A 116 11.14 5.07 4.94
C LEU A 116 11.48 6.53 5.13
N ASP A 117 10.56 7.37 4.70
CA ASP A 117 10.65 8.81 4.97
C ASP A 117 11.27 9.15 6.33
N SER A 118 10.98 8.33 7.34
CA SER A 118 11.38 8.59 8.72
C SER A 118 12.88 8.41 8.97
N ILE A 119 13.53 7.53 8.21
CA ILE A 119 14.97 7.37 8.38
C ILE A 119 15.71 8.40 7.53
N ALA A 120 15.01 8.97 6.55
CA ALA A 120 15.61 10.01 5.74
C ALA A 120 15.45 11.40 6.37
N LYS A 121 15.10 11.44 7.66
CA LYS A 121 14.72 12.68 8.34
C LYS A 121 13.49 13.32 7.67
N ALA A 122 25.57 8.26 11.20
CA ALA A 122 24.70 7.52 12.12
C ALA A 122 23.59 6.82 11.36
N ALA A 123 22.53 7.57 11.04
CA ALA A 123 21.42 7.04 10.26
C ALA A 123 21.91 6.67 8.86
N ASP A 124 23.05 7.27 8.49
CA ASP A 124 23.75 6.96 7.24
C ASP A 124 24.35 5.56 7.21
N ARG A 125 24.54 4.98 8.39
CA ARG A 125 25.18 3.66 8.48
C ARG A 125 24.14 2.57 8.25
N VAL A 126 22.95 2.79 8.81
CA VAL A 126 21.80 1.93 8.56
C VAL A 126 21.46 1.92 7.08
N ILE A 127 21.59 3.09 6.45
CA ILE A 127 21.34 3.23 5.03
C ILE A 127 22.39 2.48 4.22
N ASN A 128 23.66 2.68 4.57
CA ASN A 128 24.74 1.98 3.89
C ASN A 128 24.60 0.47 4.06
N GLN A 129 24.10 0.04 5.21
CA GLN A 129 23.95 -1.39 5.47
C GLN A 129 22.78 -1.96 4.70
N ILE A 130 21.75 -1.14 4.49
CA ILE A 130 20.59 -1.57 3.73
C ILE A 130 21.01 -1.78 2.28
N LEU A 131 21.77 -0.83 1.75
CA LEU A 131 22.25 -0.92 0.37
C LEU A 131 23.21 -2.10 0.19
N THR A 132 23.96 -2.40 1.25
CA THR A 132 24.93 -3.49 1.25
C THR A 132 24.23 -4.85 1.21
N GLU A 133 23.18 -5.00 2.01
CA GLU A 133 22.42 -6.25 2.02
C GLU A 133 21.70 -6.46 0.69
N MET A 134 21.23 -5.39 0.10
CA MET A 134 20.57 -5.49 -1.20
C MET A 134 21.54 -5.96 -2.26
N ASP A 135 22.74 -5.37 -2.26
CA ASP A 135 23.73 -5.68 -3.28
C ASP A 135 24.20 -7.13 -3.15
N GLY A 136 24.28 -7.61 -1.91
CA GLY A 136 24.80 -8.94 -1.64
C GLY A 136 23.77 -10.05 -1.70
N MET A 137 22.53 -9.71 -2.08
CA MET A 137 21.49 -10.71 -2.19
C MET A 137 21.03 -10.89 -3.63
N SER A 138 21.16 -12.11 -4.13
CA SER A 138 20.75 -12.46 -5.49
C SER A 138 19.23 -12.60 -5.57
N THR A 139 18.70 -12.49 -6.78
CA THR A 139 17.29 -12.81 -7.00
C THR A 139 17.05 -14.31 -6.71
N LYS A 140 18.12 -15.09 -6.67
CA LYS A 140 18.03 -16.54 -6.43
C LYS A 140 17.57 -16.85 -5.02
N LYS A 141 17.72 -15.87 -4.12
CA LYS A 141 17.29 -16.03 -2.73
C LYS A 141 15.75 -15.91 -2.53
N ASN A 142 15.06 -15.48 -3.57
CA ASN A 142 13.60 -15.38 -3.59
C ASN A 142 13.09 -14.42 -2.52
N VAL A 143 13.80 -13.32 -2.32
CA VAL A 143 13.30 -12.25 -1.49
C VAL A 143 13.04 -11.06 -2.38
N PHE A 144 11.85 -10.51 -2.25
CA PHE A 144 11.48 -9.33 -3.01
C PHE A 144 11.35 -8.17 -2.01
N ILE A 145 12.02 -7.07 -2.29
CA ILE A 145 12.11 -5.97 -1.32
C ILE A 145 11.26 -4.81 -1.80
N ILE A 146 10.47 -4.24 -0.90
CA ILE A 146 9.62 -3.11 -1.23
C ILE A 146 9.80 -2.03 -0.18
N GLY A 147 9.98 -0.80 -0.66
CA GLY A 147 10.00 0.37 0.20
C GLY A 147 8.79 1.24 -0.08
N ALA A 148 8.37 2.02 0.91
CA ALA A 148 7.30 2.98 0.70
C ALA A 148 7.66 4.24 1.43
N THR A 149 7.35 5.37 0.81
CA THR A 149 7.60 6.67 1.43
C THR A 149 6.54 7.70 1.02
N ASN A 150 6.25 8.59 1.96
CA ASN A 150 5.38 9.72 1.72
CA ASN A 150 5.38 9.71 1.63
C ASN A 150 6.21 10.96 1.41
N ARG A 151 7.54 10.80 1.48
CA ARG A 151 8.48 11.91 1.29
C ARG A 151 9.49 11.61 0.19
N PRO A 152 9.02 11.53 -1.06
CA PRO A 152 9.93 11.29 -2.17
C PRO A 152 10.97 12.40 -2.35
N ASP A 153 10.70 13.60 -1.82
CA ASP A 153 11.62 14.72 -1.95
C ASP A 153 12.96 14.45 -1.26
N ILE A 154 13.00 13.54 -0.29
CA ILE A 154 14.25 13.22 0.40
C ILE A 154 14.73 11.79 0.15
N ILE A 155 14.38 11.22 -0.99
CA ILE A 155 14.97 9.95 -1.39
C ILE A 155 16.45 10.15 -1.67
N ASP A 156 17.29 9.34 -1.04
CA ASP A 156 18.66 9.17 -1.52
C ASP A 156 18.54 8.33 -2.79
N PRO A 157 18.99 8.88 -3.93
CA PRO A 157 18.93 8.20 -5.23
C PRO A 157 19.74 6.89 -5.30
N ALA A 158 20.61 6.63 -4.33
CA ALA A 158 21.42 5.42 -4.36
C ALA A 158 20.54 4.16 -4.29
N ILE A 159 19.41 4.28 -3.60
CA ILE A 159 18.56 3.13 -3.35
C ILE A 159 17.76 2.77 -4.62
N LEU A 160 17.90 3.56 -5.67
CA LEU A 160 17.23 3.34 -6.95
C LEU A 160 18.09 2.65 -8.01
N ARG A 161 19.37 2.50 -7.75
CA ARG A 161 20.26 1.85 -8.71
C ARG A 161 19.87 0.39 -8.88
N PRO A 162 19.93 -0.13 -10.13
CA PRO A 162 19.62 -1.53 -10.42
C PRO A 162 20.18 -2.49 -9.37
N GLY A 163 19.37 -3.48 -8.99
CA GLY A 163 19.74 -4.40 -7.93
C GLY A 163 19.24 -3.96 -6.57
N ARG A 164 18.78 -2.72 -6.50
CA ARG A 164 18.18 -2.23 -5.27
C ARG A 164 16.70 -1.98 -5.53
N LEU A 165 16.15 -0.91 -5.00
CA LEU A 165 14.74 -0.61 -5.29
C LEU A 165 14.65 0.16 -6.59
N ASP A 166 14.88 -0.50 -7.71
CA ASP A 166 15.10 0.21 -8.97
C ASP A 166 13.83 0.48 -9.76
N GLN A 167 12.73 -0.11 -9.34
CA GLN A 167 11.42 0.20 -9.92
C GLN A 167 10.75 1.25 -9.05
N LEU A 168 10.75 2.49 -9.54
CA LEU A 168 10.17 3.60 -8.82
C LEU A 168 8.72 3.77 -9.28
N ILE A 169 7.77 3.69 -8.36
CA ILE A 169 6.34 3.69 -8.74
C ILE A 169 5.50 4.65 -7.91
N TYR A 170 4.82 5.55 -8.61
CA TYR A 170 3.97 6.59 -8.03
C TYR A 170 2.61 6.05 -7.68
N ILE A 171 2.18 6.27 -6.44
CA ILE A 171 0.89 5.78 -6.01
C ILE A 171 0.06 7.02 -5.67
N PRO A 172 -0.77 7.49 -6.61
CA PRO A 172 -1.45 8.79 -6.41
C PRO A 172 -2.72 8.74 -5.57
N LEU A 173 -3.14 9.91 -5.11
CA LEU A 173 -4.51 10.07 -4.64
C LEU A 173 -5.45 9.55 -5.69
N PRO A 174 -6.53 8.89 -5.27
CA PRO A 174 -7.43 8.31 -6.26
C PRO A 174 -8.22 9.39 -7.02
N ASP A 175 -8.34 9.26 -8.35
CA ASP A 175 -9.26 10.15 -9.09
C ASP A 175 -10.67 9.66 -8.87
N GLU A 176 -11.65 10.24 -9.54
CA GLU A 176 -13.04 9.97 -9.21
C GLU A 176 -13.39 8.50 -9.44
N LYS A 177 -12.88 7.94 -10.53
CA LYS A 177 -13.13 6.54 -10.85
C LYS A 177 -12.50 5.63 -9.77
N SER A 178 -11.31 5.99 -9.33
CA SER A 178 -10.63 5.16 -8.32
C SER A 178 -11.34 5.26 -6.97
N ARG A 179 -11.94 6.41 -6.68
CA ARG A 179 -12.67 6.53 -5.43
C ARG A 179 -13.88 5.62 -5.42
N VAL A 180 -14.57 5.51 -6.55
CA VAL A 180 -15.69 4.58 -6.63
C VAL A 180 -15.18 3.14 -6.34
N ALA A 181 -14.05 2.80 -6.94
CA ALA A 181 -13.52 1.44 -6.78
C ALA A 181 -13.05 1.17 -5.35
N ILE A 182 -12.50 2.19 -4.69
CA ILE A 182 -12.04 2.05 -3.31
C ILE A 182 -13.22 1.76 -2.42
N LEU A 183 -14.29 2.54 -2.60
CA LEU A 183 -15.50 2.33 -1.82
C LEU A 183 -16.06 0.94 -2.07
N LYS A 184 -16.09 0.51 -3.32
CA LYS A 184 -16.65 -0.81 -3.62
C LYS A 184 -15.74 -1.89 -3.01
N ALA A 185 -14.43 -1.79 -3.18
CA ALA A 185 -13.52 -2.79 -2.57
C ALA A 185 -13.70 -2.85 -1.06
N ASN A 186 -13.72 -1.69 -0.40
CA ASN A 186 -13.88 -1.65 1.04
C ASN A 186 -15.22 -2.27 1.50
N LEU A 187 -16.25 -2.15 0.69
CA LEU A 187 -17.58 -2.60 1.11
C LEU A 187 -17.93 -3.97 0.50
N ARG A 188 -16.97 -4.59 -0.18
CA ARG A 188 -17.17 -5.82 -0.97
C ARG A 188 -17.85 -6.96 -0.21
N LYS A 189 -17.64 -7.01 1.10
CA LYS A 189 -18.22 -8.08 1.92
C LYS A 189 -19.22 -7.56 2.94
N SER A 190 -19.75 -6.36 2.74
CA SER A 190 -20.64 -5.72 3.71
C SER A 190 -22.07 -5.62 3.18
N PRO A 191 -23.07 -5.65 4.08
CA PRO A 191 -24.45 -5.44 3.66
C PRO A 191 -24.76 -3.94 3.48
N VAL A 192 -24.72 -3.46 2.25
CA VAL A 192 -24.99 -2.05 1.96
C VAL A 192 -26.31 -1.96 1.19
N ALA A 193 -27.14 -1.00 1.59
CA ALA A 193 -28.49 -0.84 1.03
C ALA A 193 -28.47 -0.34 -0.42
N LYS A 194 -29.55 -0.66 -1.12
CA LYS A 194 -29.64 -0.39 -2.55
C LYS A 194 -29.71 1.12 -2.86
N ASP A 195 -30.00 1.93 -1.85
CA ASP A 195 -30.13 3.37 -2.04
C ASP A 195 -28.82 4.09 -1.77
N VAL A 196 -27.80 3.30 -1.42
CA VAL A 196 -26.47 3.85 -1.27
C VAL A 196 -25.90 4.06 -2.66
N ASP A 197 -25.52 5.30 -2.95
CA ASP A 197 -24.99 5.70 -4.24
C ASP A 197 -23.50 6.00 -4.10
N LEU A 198 -22.66 5.02 -4.42
CA LEU A 198 -21.22 5.20 -4.20
C LEU A 198 -20.57 6.11 -5.24
N GLU A 199 -21.17 6.18 -6.43
CA GLU A 199 -20.66 7.09 -7.46
C GLU A 199 -20.89 8.54 -7.00
N PHE A 200 -22.03 8.79 -6.36
CA PHE A 200 -22.28 10.13 -5.83
C PHE A 200 -21.32 10.44 -4.68
N LEU A 201 -21.09 9.47 -3.78
CA LEU A 201 -20.12 9.67 -2.71
C LEU A 201 -18.74 9.99 -3.30
N ALA A 202 -18.34 9.28 -4.37
CA ALA A 202 -17.05 9.56 -5.01
C ALA A 202 -17.02 10.98 -5.57
N LYS A 203 -18.11 11.39 -6.21
CA LYS A 203 -18.23 12.76 -6.74
C LYS A 203 -17.96 13.81 -5.66
N MET A 204 -18.39 13.50 -4.45
CA MET A 204 -18.34 14.46 -3.35
C MET A 204 -17.06 14.37 -2.50
N THR A 205 -16.12 13.53 -2.90
CA THR A 205 -14.91 13.32 -2.11
C THR A 205 -13.61 13.58 -2.87
N ASN A 206 -13.61 14.58 -3.76
CA ASN A 206 -12.38 14.90 -4.51
C ASN A 206 -11.28 15.29 -3.54
N GLY A 207 -10.08 14.74 -3.71
CA GLY A 207 -9.00 15.03 -2.79
C GLY A 207 -8.88 14.07 -1.60
N PHE A 208 -9.90 13.25 -1.40
CA PHE A 208 -9.88 12.25 -0.32
C PHE A 208 -8.88 11.16 -0.66
N SER A 209 -8.18 10.64 0.35
CA SER A 209 -7.34 9.44 0.16
C SER A 209 -8.16 8.17 0.31
N GLY A 210 -7.57 7.03 0.01
CA GLY A 210 -8.25 5.77 0.25
C GLY A 210 -8.52 5.57 1.74
N ALA A 211 -7.57 5.96 2.58
CA ALA A 211 -7.78 5.87 4.02
C ALA A 211 -8.92 6.79 4.44
N ASP A 212 -8.99 7.98 3.83
CA ASP A 212 -10.09 8.91 4.13
C ASP A 212 -11.43 8.27 3.82
N LEU A 213 -11.54 7.62 2.66
CA LEU A 213 -12.80 6.98 2.28
C LEU A 213 -13.15 5.77 3.17
N THR A 214 -12.15 4.96 3.50
CA THR A 214 -12.36 3.81 4.38
C THR A 214 -12.94 4.27 5.70
N GLU A 215 -12.46 5.41 6.19
CA GLU A 215 -12.96 5.96 7.43
C GLU A 215 -14.45 6.30 7.35
N ILE A 216 -14.88 6.85 6.21
CA ILE A 216 -16.31 7.11 6.01
C ILE A 216 -17.09 5.81 6.13
N CYS A 217 -16.58 4.76 5.49
CA CYS A 217 -17.23 3.46 5.48
C CYS A 217 -17.31 2.89 6.90
N GLN A 218 -16.23 3.06 7.65
CA GLN A 218 -16.14 2.53 9.00
C GLN A 218 -17.12 3.25 9.93
N ARG A 219 -17.23 4.56 9.80
CA ARG A 219 -18.18 5.33 10.61
C ARG A 219 -19.64 5.03 10.26
N ALA A 220 -19.92 4.78 8.98
CA ALA A 220 -21.28 4.39 8.57
C ALA A 220 -21.62 3.04 9.18
N CYS A 221 -20.67 2.12 9.10
CA CYS A 221 -20.81 0.78 9.65
C CYS A 221 -21.00 0.81 11.17
N LYS A 222 -20.27 1.69 11.86
CA LYS A 222 -20.46 1.89 13.29
C LYS A 222 -21.89 2.33 13.65
N LEU A 223 -22.41 3.29 12.91
CA LEU A 223 -23.79 3.73 13.08
C LEU A 223 -24.78 2.59 12.87
N ALA A 224 -24.49 1.73 11.88
CA ALA A 224 -25.39 0.64 11.54
C ALA A 224 -25.39 -0.39 12.67
N ILE A 225 -24.24 -0.56 13.30
CA ILE A 225 -24.08 -1.49 14.42
C ILE A 225 -24.90 -0.99 15.61
N ARG A 226 -24.68 0.28 15.97
CA ARG A 226 -25.40 0.92 17.07
C ARG A 226 -26.90 0.77 16.90
N GLU A 227 -27.37 0.97 15.68
CA GLU A 227 -28.79 0.86 15.38
C GLU A 227 -29.32 -0.57 15.53
N SER A 228 -28.60 -1.55 15.00
CA SER A 228 -29.02 -2.93 15.12
C SER A 228 -29.03 -3.35 16.60
N ILE A 229 -28.12 -2.78 17.37
CA ILE A 229 -28.08 -3.03 18.82
C ILE A 229 -29.31 -2.46 19.51
N GLU A 230 -29.65 -1.23 19.14
CA GLU A 230 -30.80 -0.56 19.70
C GLU A 230 -32.11 -1.23 19.28
N SER A 231 -32.14 -1.79 18.07
CA SER A 231 -33.31 -2.54 17.60
C SER A 231 -33.49 -3.83 18.39
N GLU A 232 -32.37 -4.50 18.67
CA GLU A 232 -32.36 -5.72 19.45
C GLU A 232 -32.89 -5.50 20.86
N ILE A 233 -32.44 -4.42 21.50
CA ILE A 233 -32.86 -4.07 22.87
C ILE A 233 -34.36 -3.83 22.93
N ARG A 234 -34.90 -3.13 21.94
CA ARG A 234 -36.33 -2.87 21.88
C ARG A 234 -37.12 -4.16 21.65
N ARG A 235 -36.73 -4.92 20.63
CA ARG A 235 -37.43 -6.16 20.31
C ARG A 235 -37.49 -7.12 21.49
N GLU A 236 -36.41 -7.22 22.27
CA GLU A 236 -36.38 -8.01 23.49
C GLU A 236 -37.50 -7.62 24.44
N ARG A 237 -37.82 -6.33 24.50
CA ARG A 237 -38.98 -5.85 25.24
C ARG A 237 -40.29 -6.30 24.57
N GLU A 238 -40.40 -6.07 23.26
CA GLU A 238 -41.55 -6.47 22.45
C GLU A 238 -42.85 -5.87 22.98
N VAL A 239 -32.72 -4.59 8.58
CA VAL A 239 -32.05 -3.99 9.73
C VAL A 239 -30.55 -4.30 9.73
N PRO A 240 -30.14 -5.52 9.30
CA PRO A 240 -28.69 -5.64 9.13
C PRO A 240 -28.18 -5.07 7.81
N GLU A 241 -28.42 -3.79 7.56
CA GLU A 241 -27.90 -3.18 6.34
C GLU A 241 -27.27 -1.82 6.66
N ILE A 242 -26.22 -1.45 5.94
CA ILE A 242 -25.69 -0.08 6.05
C ILE A 242 -26.47 0.75 5.03
N ARG A 243 -27.22 1.72 5.54
CA ARG A 243 -28.14 2.51 4.69
C ARG A 243 -27.59 3.86 4.27
N ARG A 244 -28.29 4.50 3.33
CA ARG A 244 -27.90 5.84 2.90
C ARG A 244 -27.79 6.77 4.10
N ASP A 245 -28.73 6.71 5.04
CA ASP A 245 -28.67 7.66 6.15
C ASP A 245 -27.50 7.40 7.12
N HIS A 246 -26.93 6.20 7.16
CA HIS A 246 -25.70 5.96 7.92
C HIS A 246 -24.50 6.64 7.25
N PHE A 247 -24.43 6.55 5.93
CA PHE A 247 -23.41 7.29 5.19
C PHE A 247 -23.62 8.82 5.31
N GLU A 248 -24.88 9.28 5.29
CA GLU A 248 -25.12 10.73 5.45
C GLU A 248 -24.48 11.27 6.72
N GLU A 249 -24.70 10.58 7.83
CA GLU A 249 -24.15 11.00 9.12
C GLU A 249 -22.64 10.74 9.24
N ALA A 250 -22.10 9.79 8.49
CA ALA A 250 -20.66 9.54 8.57
C ALA A 250 -19.86 10.67 7.93
N MET A 251 -20.53 11.46 7.09
CA MET A 251 -19.92 12.55 6.32
C MET A 251 -19.46 13.78 7.12
N ARG A 252 -20.23 14.18 8.14
CA ARG A 252 -19.91 15.42 8.84
C ARG A 252 -18.72 15.23 9.78
N PHE A 253 -18.12 14.04 9.72
CA PHE A 253 -16.88 13.76 10.43
C PHE A 253 -15.77 13.46 9.40
N ALA A 254 -16.04 13.80 8.14
CA ALA A 254 -15.17 13.41 7.04
C ALA A 254 -14.47 14.59 6.36
N ARG A 255 -13.14 14.55 6.35
CA ARG A 255 -12.38 15.55 5.61
C ARG A 255 -11.12 14.95 4.99
N ARG A 256 -10.53 15.70 4.07
CA ARG A 256 -9.27 15.32 3.47
C ARG A 256 -8.16 15.42 4.47
N SER A 257 -7.25 14.45 4.45
CA SER A 257 -6.10 14.48 5.33
C SER A 257 -4.86 14.96 4.58
N VAL A 258 -4.96 15.10 3.26
CA VAL A 258 -3.85 15.65 2.48
C VAL A 258 -4.20 17.04 1.92
N SER A 259 -3.38 18.04 2.25
CA SER A 259 -3.66 19.44 1.88
C SER A 259 -3.39 19.69 0.41
N ASP A 260 -4.04 20.73 -0.14
CA ASP A 260 -3.87 21.08 -1.55
C ASP A 260 -2.40 21.30 -1.91
N ASN A 261 -1.70 22.04 -1.06
CA ASN A 261 -0.28 22.31 -1.27
C ASN A 261 0.55 21.02 -1.40
N ASP A 262 0.33 20.09 -0.48
CA ASP A 262 1.01 18.79 -0.53
C ASP A 262 0.69 18.01 -1.81
N ILE A 263 -0.57 18.03 -2.23
CA ILE A 263 -0.96 17.36 -3.46
C ILE A 263 -0.20 17.90 -4.64
N ARG A 264 -0.07 19.23 -4.69
CA ARG A 264 0.63 19.86 -5.80
C ARG A 264 2.07 19.43 -5.78
N LYS A 265 2.62 19.35 -4.58
CA LYS A 265 4.01 18.92 -4.44
C LYS A 265 4.20 17.47 -4.89
N TYR A 266 3.22 16.61 -4.61
CA TYR A 266 3.31 15.22 -5.07
C TYR A 266 3.19 15.16 -6.59
N GLU A 267 2.26 15.93 -7.12
CA GLU A 267 2.04 16.02 -8.56
C GLU A 267 3.27 16.57 -9.27
N MET A 268 3.88 17.60 -8.72
CA MET A 268 5.06 18.21 -9.33
C MET A 268 6.15 17.16 -9.40
N PHE A 269 6.38 16.49 -8.26
CA PHE A 269 7.41 15.47 -8.17
C PHE A 269 7.21 14.36 -9.20
N ALA A 270 5.99 13.83 -9.28
CA ALA A 270 5.66 12.76 -10.22
C ALA A 270 5.81 13.17 -11.69
N GLN A 271 5.37 14.38 -12.02
CA GLN A 271 5.47 14.89 -13.39
C GLN A 271 6.93 14.96 -13.82
N THR A 272 7.78 15.30 -12.86
CA THR A 272 9.21 15.40 -13.07
C THR A 272 9.80 14.10 -13.61
N LEU A 273 9.33 12.97 -13.09
CA LEU A 273 9.80 11.67 -13.57
C LEU A 273 8.86 11.12 -14.62
N GLN A 274 8.05 12.01 -15.19
CA GLN A 274 6.96 11.67 -16.11
C GLN A 274 6.19 10.45 -15.61
N GLN A 275 5.66 10.57 -14.39
CA GLN A 275 4.82 9.54 -13.76
C GLN A 275 3.49 10.14 -13.30
C1 MPD B . 4.17 16.93 0.80
C2 MPD B . 5.57 16.70 0.21
O2 MPD B . 6.31 17.94 0.24
CM MPD B . 6.36 15.71 1.05
C3 MPD B . 5.46 16.14 -1.20
C4 MPD B . 6.80 16.19 -1.94
O4 MPD B . 7.79 15.58 -1.14
C5 MPD B . 6.73 15.41 -3.25
C1 MPD C . 13.96 6.28 2.88
C2 MPD C . 14.13 7.00 1.56
O2 MPD C . 13.15 6.49 0.64
CM MPD C . 13.93 8.50 1.73
C3 MPD C . 15.51 6.73 0.98
C4 MPD C . 16.59 6.90 2.05
O4 MPD C . 17.64 5.95 1.82
C5 MPD C . 17.17 8.31 2.02
C1 MPD D . -24.50 11.98 0.50
C2 MPD D . -24.40 10.47 0.59
O2 MPD D . -23.02 10.09 0.67
CM MPD D . -25.14 9.95 1.82
C3 MPD D . -24.99 9.83 -0.67
C4 MPD D . -25.17 8.33 -0.50
O4 MPD D . -25.99 7.82 -1.56
C5 MPD D . -23.82 7.62 -0.53
C1 MPD E . 8.98 -13.65 -4.13
C2 MPD E . 9.42 -14.29 -5.45
O2 MPD E . 8.80 -13.57 -6.54
CM MPD E . 10.92 -14.20 -5.60
C3 MPD E . 9.03 -15.77 -5.52
C4 MPD E . 7.60 -15.99 -6.00
O4 MPD E . 7.56 -15.97 -7.41
C5 MPD E . 7.09 -17.33 -5.50
S DMS F . 24.38 -4.73 -20.18
O DMS F . 24.14 -3.62 -19.20
C1 DMS F . 23.96 -6.36 -19.50
C2 DMS F . 23.17 -4.63 -21.52
PB ADP G . -0.11 3.87 2.51
O1B ADP G . 0.77 2.66 2.77
O2B ADP G . -0.22 4.40 1.12
O3B ADP G . 0.14 4.95 3.53
PA ADP G . -2.17 1.88 3.07
O1A ADP G . -1.72 1.42 4.42
O2A ADP G . -1.93 1.02 1.87
O3A ADP G . -1.62 3.38 2.80
O5' ADP G . -3.75 2.17 3.13
C5' ADP G . -4.33 2.54 4.39
C4' ADP G . -5.80 2.15 4.41
O4' ADP G . -6.58 3.02 3.56
C3' ADP G . -6.01 0.74 3.88
O3' ADP G . -5.93 -0.20 4.94
C2' ADP G . -7.40 0.81 3.29
O2' ADP G . -8.42 0.74 4.31
C1' ADP G . -7.46 2.23 2.76
N9 ADP G . -6.99 2.31 1.35
C8 ADP G . -5.97 3.08 0.92
N7 ADP G . -5.77 2.96 -0.40
C5 ADP G . -6.70 2.10 -0.85
C6 ADP G . -7.05 1.54 -2.16
N6 ADP G . -6.33 1.91 -3.27
N1 ADP G . -8.06 0.67 -2.21
C2 ADP G . -8.76 0.29 -1.10
N3 ADP G . -8.49 0.76 0.12
C4 ADP G . -7.50 1.67 0.31
#